data_8T86
# 
_entry.id   8T86 
# 
_audit_conform.dict_name       mmcif_pdbx.dic 
_audit_conform.dict_version    5.382 
_audit_conform.dict_location   http://mmcif.pdb.org/dictionaries/ascii/mmcif_pdbx.dic 
# 
loop_
_database_2.database_id 
_database_2.database_code 
_database_2.pdbx_database_accession 
_database_2.pdbx_DOI 
PDB   8T86         pdb_00008t86 10.2210/pdb8t86/pdb 
WWPDB D_1000275461 ?            ?                   
# 
_pdbx_database_status.status_code                     REL 
_pdbx_database_status.status_code_sf                  REL 
_pdbx_database_status.status_code_mr                  ? 
_pdbx_database_status.entry_id                        8T86 
_pdbx_database_status.recvd_initial_deposition_date   2023-06-21 
_pdbx_database_status.SG_entry                        N 
_pdbx_database_status.deposit_site                    RCSB 
_pdbx_database_status.process_site                    RCSB 
_pdbx_database_status.status_code_cs                  ? 
_pdbx_database_status.status_code_nmr_data            ? 
_pdbx_database_status.methods_development_category    ? 
_pdbx_database_status.pdb_format_compatible           Y 
# 
loop_
_audit_author.name 
_audit_author.pdbx_ordinal 
_audit_author.identifier_ORCID 
'Sawaya, M.R.'   1 0000-0003-0874-9043 
'Raskatov, J.A.' 2 0000-0002-0082-9113 
'Hazari, A.'     3 0009-0005-2071-1322 
'Sajimon, M.'    4 ?                   
# 
_citation.abstract                  ? 
_citation.abstract_id_CAS           ? 
_citation.book_id_ISBN              ? 
_citation.book_publisher            ? 
_citation.book_publisher_city       ? 
_citation.book_title                ? 
_citation.coordinate_linkage        ? 
_citation.country                   US 
_citation.database_id_Medline       ? 
_citation.details                   ? 
_citation.id                        primary 
_citation.journal_abbrev            J.Am.Chem.Soc. 
_citation.journal_id_ASTM           JACSAT 
_citation.journal_id_CSD            ? 
_citation.journal_id_ISSN           1520-5126 
_citation.journal_full              ? 
_citation.journal_issue             ? 
_citation.journal_volume            145 
_citation.language                  ? 
_citation.page_first                25917 
_citation.page_last                 25926 
_citation.title                     
'Racemic Peptides from Amyloid beta and Amylin Form Rippled beta-Sheets Rather Than Pleated beta-Sheets.' 
_citation.year                      2023 
_citation.database_id_CSD           ? 
_citation.pdbx_database_id_DOI      10.1021/jacs.3c11712 
_citation.pdbx_database_id_PubMed   37972334 
_citation.pdbx_database_id_patent   ? 
_citation.unpublished_flag          ? 
# 
loop_
_citation_author.citation_id 
_citation_author.name 
_citation_author.ordinal 
_citation_author.identifier_ORCID 
primary 'Hazari, A.'     1 ? 
primary 'Sawaya, M.R.'   2 ? 
primary 'Sajimon, M.'    3 ? 
primary 'Vlahakis, N.'   4 ? 
primary 'Rodriguez, J.'  5 ? 
primary 'Eisenberg, D.'  6 ? 
primary 'Raskatov, J.A.' 7 ? 
# 
_cell.angle_alpha                  90.452 
_cell.angle_alpha_esd              ? 
_cell.angle_beta                   98.132 
_cell.angle_beta_esd               ? 
_cell.angle_gamma                  94.376 
_cell.angle_gamma_esd              ? 
_cell.entry_id                     8T86 
_cell.details                      ? 
_cell.formula_units_Z              ? 
_cell.length_a                     9.500 
_cell.length_a_esd                 ? 
_cell.length_b                     9.880 
_cell.length_b_esd                 ? 
_cell.length_c                     16.290 
_cell.length_c_esd                 ? 
_cell.volume                       ? 
_cell.volume_esd                   ? 
_cell.Z_PDB                        2 
_cell.reciprocal_angle_alpha       ? 
_cell.reciprocal_angle_beta        ? 
_cell.reciprocal_angle_gamma       ? 
_cell.reciprocal_angle_alpha_esd   ? 
_cell.reciprocal_angle_beta_esd    ? 
_cell.reciprocal_angle_gamma_esd   ? 
_cell.reciprocal_length_a          ? 
_cell.reciprocal_length_b          ? 
_cell.reciprocal_length_c          ? 
_cell.reciprocal_length_a_esd      ? 
_cell.reciprocal_length_b_esd      ? 
_cell.reciprocal_length_c_esd      ? 
_cell.pdbx_unique_axis             ? 
_cell.pdbx_esd_method              ? 
# 
_symmetry.entry_id                         8T86 
_symmetry.cell_setting                     ? 
_symmetry.Int_Tables_number                2 
_symmetry.space_group_name_Hall            ? 
_symmetry.space_group_name_H-M             'P -1' 
_symmetry.pdbx_full_space_group_name_H-M   ? 
# 
loop_
_entity.id 
_entity.type 
_entity.src_method 
_entity.pdbx_description 
_entity.formula_weight 
_entity.pdbx_number_of_molecules 
_entity.pdbx_ec 
_entity.pdbx_mutation 
_entity.pdbx_fragment 
_entity.details 
1 polymer syn 'Racemic mixture of amylin segment 25-AILSS-29' 489.564 1 ? ? ? ? 
2 water   nat water                                           18.015  5 ? ? ? ? 
# 
_entity_poly.entity_id                      1 
_entity_poly.type                           'polypeptide(L)' 
_entity_poly.nstd_linkage                   no 
_entity_poly.nstd_monomer                   no 
_entity_poly.pdbx_seq_one_letter_code       AILSS 
_entity_poly.pdbx_seq_one_letter_code_can   AILSS 
_entity_poly.pdbx_strand_id                 A 
_entity_poly.pdbx_target_identifier         ? 
# 
loop_
_entity_poly_seq.entity_id 
_entity_poly_seq.num 
_entity_poly_seq.mon_id 
_entity_poly_seq.hetero 
1 1 ALA n 
1 2 ILE n 
1 3 LEU n 
1 4 SER n 
1 5 SER n 
# 
_pdbx_entity_src_syn.entity_id              1 
_pdbx_entity_src_syn.pdbx_src_id            1 
_pdbx_entity_src_syn.pdbx_alt_source_flag   sample 
_pdbx_entity_src_syn.pdbx_beg_seq_num       1 
_pdbx_entity_src_syn.pdbx_end_seq_num       5 
_pdbx_entity_src_syn.organism_scientific    'Homo sapiens' 
_pdbx_entity_src_syn.organism_common_name   human 
_pdbx_entity_src_syn.ncbi_taxonomy_id       9606 
_pdbx_entity_src_syn.details                ? 
# 
_struct_ref.id                         1 
_struct_ref.db_name                    PDB 
_struct_ref.db_code                    8T86 
_struct_ref.pdbx_db_accession          8T86 
_struct_ref.pdbx_db_isoform            ? 
_struct_ref.entity_id                  1 
_struct_ref.pdbx_seq_one_letter_code   ? 
_struct_ref.pdbx_align_begin           1 
# 
_struct_ref_seq.align_id                      1 
_struct_ref_seq.ref_id                        1 
_struct_ref_seq.pdbx_PDB_id_code              8T86 
_struct_ref_seq.pdbx_strand_id                A 
_struct_ref_seq.seq_align_beg                 1 
_struct_ref_seq.pdbx_seq_align_beg_ins_code   ? 
_struct_ref_seq.seq_align_end                 5 
_struct_ref_seq.pdbx_seq_align_end_ins_code   ? 
_struct_ref_seq.pdbx_db_accession             8T86 
_struct_ref_seq.db_align_beg                  25 
_struct_ref_seq.pdbx_db_align_beg_ins_code    ? 
_struct_ref_seq.db_align_end                  29 
_struct_ref_seq.pdbx_db_align_end_ins_code    ? 
_struct_ref_seq.pdbx_auth_seq_align_beg       25 
_struct_ref_seq.pdbx_auth_seq_align_end       29 
# 
loop_
_chem_comp.id 
_chem_comp.type 
_chem_comp.mon_nstd_flag 
_chem_comp.name 
_chem_comp.pdbx_synonyms 
_chem_comp.formula 
_chem_comp.formula_weight 
ALA 'L-peptide linking' y ALANINE    ? 'C3 H7 N O2'  89.093  
HOH non-polymer         . WATER      ? 'H2 O'        18.015  
ILE 'L-peptide linking' y ISOLEUCINE ? 'C6 H13 N O2' 131.173 
LEU 'L-peptide linking' y LEUCINE    ? 'C6 H13 N O2' 131.173 
SER 'L-peptide linking' y SERINE     ? 'C3 H7 N O3'  105.093 
# 
_exptl.absorpt_coefficient_mu     ? 
_exptl.absorpt_correction_T_max   ? 
_exptl.absorpt_correction_T_min   ? 
_exptl.absorpt_correction_type    ? 
_exptl.absorpt_process_details    ? 
_exptl.entry_id                   8T86 
_exptl.crystals_number            1 
_exptl.details                    ? 
_exptl.method                     'X-RAY DIFFRACTION' 
_exptl.method_details             ? 
# 
_exptl_crystal.colour                       ? 
_exptl_crystal.density_diffrn               ? 
_exptl_crystal.density_Matthews             1.54 
_exptl_crystal.density_method               ? 
_exptl_crystal.density_percent_sol          20.19 
_exptl_crystal.description                  ? 
_exptl_crystal.F_000                        ? 
_exptl_crystal.id                           1 
_exptl_crystal.preparation                  ? 
_exptl_crystal.size_max                     ? 
_exptl_crystal.size_mid                     ? 
_exptl_crystal.size_min                     ? 
_exptl_crystal.size_rad                     ? 
_exptl_crystal.colour_lustre                ? 
_exptl_crystal.colour_modifier              ? 
_exptl_crystal.colour_primary               ? 
_exptl_crystal.density_meas                 ? 
_exptl_crystal.density_meas_esd             ? 
_exptl_crystal.density_meas_gt              ? 
_exptl_crystal.density_meas_lt              ? 
_exptl_crystal.density_meas_temp            ? 
_exptl_crystal.density_meas_temp_esd        ? 
_exptl_crystal.density_meas_temp_gt         ? 
_exptl_crystal.density_meas_temp_lt         ? 
_exptl_crystal.pdbx_crystal_image_url       ? 
_exptl_crystal.pdbx_crystal_image_format    ? 
_exptl_crystal.pdbx_mosaicity               ? 
_exptl_crystal.pdbx_mosaicity_esd           ? 
_exptl_crystal.pdbx_mosaic_method           ? 
_exptl_crystal.pdbx_mosaic_block_size       ? 
_exptl_crystal.pdbx_mosaic_block_size_esd   ? 
# 
_exptl_crystal_grow.apparatus       ? 
_exptl_crystal_grow.atmosphere      ? 
_exptl_crystal_grow.crystal_id      1 
_exptl_crystal_grow.details         ? 
_exptl_crystal_grow.method          'BATCH MODE' 
_exptl_crystal_grow.method_ref      ? 
_exptl_crystal_grow.pH              ? 
_exptl_crystal_grow.pressure        ? 
_exptl_crystal_grow.pressure_esd    ? 
_exptl_crystal_grow.seeding         ? 
_exptl_crystal_grow.seeding_ref     ? 
_exptl_crystal_grow.temp_details    ? 
_exptl_crystal_grow.temp_esd        ? 
_exptl_crystal_grow.time            ? 
_exptl_crystal_grow.pdbx_details    'hexafluoroisopropanol, water' 
_exptl_crystal_grow.pdbx_pH_range   ? 
_exptl_crystal_grow.temp            298 
# 
_diffrn.ambient_environment              ? 
_diffrn.ambient_temp                     100 
_diffrn.ambient_temp_details             ? 
_diffrn.ambient_temp_esd                 ? 
_diffrn.crystal_id                       1 
_diffrn.crystal_support                  ? 
_diffrn.crystal_treatment                ? 
_diffrn.details                          ? 
_diffrn.id                               1 
_diffrn.ambient_pressure                 ? 
_diffrn.ambient_pressure_esd             ? 
_diffrn.ambient_pressure_gt              ? 
_diffrn.ambient_pressure_lt              ? 
_diffrn.ambient_temp_gt                  ? 
_diffrn.ambient_temp_lt                  ? 
_diffrn.pdbx_serial_crystal_experiment   N 
# 
_diffrn_detector.details                      ? 
_diffrn_detector.detector                     PIXEL 
_diffrn_detector.diffrn_id                    1 
_diffrn_detector.type                         'DECTRIS EIGER X 16M' 
_diffrn_detector.area_resol_mean              ? 
_diffrn_detector.dtime                        ? 
_diffrn_detector.pdbx_frames_total            ? 
_diffrn_detector.pdbx_collection_time_total   ? 
_diffrn_detector.pdbx_collection_date         2022-12-09 
_diffrn_detector.pdbx_frequency               ? 
_diffrn_detector.id                           ? 
_diffrn_detector.number_of_axes               ? 
# 
_diffrn_radiation.collimation                      ? 
_diffrn_radiation.diffrn_id                        1 
_diffrn_radiation.filter_edge                      ? 
_diffrn_radiation.inhomogeneity                    ? 
_diffrn_radiation.monochromator                    ? 
_diffrn_radiation.polarisn_norm                    ? 
_diffrn_radiation.polarisn_ratio                   ? 
_diffrn_radiation.probe                            ? 
_diffrn_radiation.type                             ? 
_diffrn_radiation.xray_symbol                      ? 
_diffrn_radiation.wavelength_id                    1 
_diffrn_radiation.pdbx_monochromatic_or_laue_m_l   M 
_diffrn_radiation.pdbx_wavelength_list             ? 
_diffrn_radiation.pdbx_wavelength                  ? 
_diffrn_radiation.pdbx_diffrn_protocol             'SINGLE WAVELENGTH' 
_diffrn_radiation.pdbx_analyzer                    ? 
_diffrn_radiation.pdbx_scattering_type             x-ray 
# 
_diffrn_radiation_wavelength.id           1 
_diffrn_radiation_wavelength.wavelength   0.97918 
_diffrn_radiation_wavelength.wt           1.0 
# 
_diffrn_source.current                     ? 
_diffrn_source.details                     ? 
_diffrn_source.diffrn_id                   1 
_diffrn_source.power                       ? 
_diffrn_source.size                        ? 
_diffrn_source.source                      SYNCHROTRON 
_diffrn_source.target                      ? 
_diffrn_source.type                        'APS BEAMLINE 24-ID-E' 
_diffrn_source.voltage                     ? 
_diffrn_source.take-off_angle              ? 
_diffrn_source.pdbx_wavelength_list        0.97918 
_diffrn_source.pdbx_wavelength             ? 
_diffrn_source.pdbx_synchrotron_beamline   24-ID-E 
_diffrn_source.pdbx_synchrotron_site       APS 
# 
_reflns.B_iso_Wilson_estimate                          ? 
_reflns.entry_id                                       8T86 
_reflns.data_reduction_details                         ? 
_reflns.data_reduction_method                          ? 
_reflns.d_resolution_high                              1.1 
_reflns.d_resolution_low                               16.123 
_reflns.details                                        ? 
_reflns.limit_h_max                                    ? 
_reflns.limit_h_min                                    ? 
_reflns.limit_k_max                                    ? 
_reflns.limit_k_min                                    ? 
_reflns.limit_l_max                                    ? 
_reflns.limit_l_min                                    ? 
_reflns.number_all                                     ? 
_reflns.number_obs                                     1898 
_reflns.observed_criterion                             ? 
_reflns.observed_criterion_F_max                       ? 
_reflns.observed_criterion_F_min                       ? 
_reflns.observed_criterion_I_max                       ? 
_reflns.observed_criterion_I_min                       ? 
_reflns.observed_criterion_sigma_F                     ? 
_reflns.observed_criterion_sigma_I                     ? 
_reflns.percent_possible_obs                           80.3 
_reflns.R_free_details                                 ? 
_reflns.Rmerge_F_all                                   ? 
_reflns.Rmerge_F_obs                                   ? 
_reflns.Friedel_coverage                               ? 
_reflns.number_gt                                      ? 
_reflns.threshold_expression                           ? 
_reflns.pdbx_redundancy                                5.1 
_reflns.pdbx_netI_over_av_sigmaI                       ? 
_reflns.pdbx_netI_over_sigmaI                          4.86 
_reflns.pdbx_res_netI_over_av_sigmaI_2                 ? 
_reflns.pdbx_res_netI_over_sigmaI_2                    ? 
_reflns.pdbx_chi_squared                               ? 
_reflns.pdbx_scaling_rejects                           ? 
_reflns.pdbx_d_res_high_opt                            ? 
_reflns.pdbx_d_res_low_opt                             ? 
_reflns.pdbx_d_res_opt_method                          ? 
_reflns.phase_calculation_details                      ? 
_reflns.pdbx_Rrim_I_all                                0.159 
_reflns.pdbx_Rpim_I_all                                ? 
_reflns.pdbx_d_opt                                     ? 
_reflns.pdbx_number_measured_all                       ? 
_reflns.pdbx_diffrn_id                                 1 
_reflns.pdbx_ordinal                                   1 
_reflns.pdbx_CC_half                                   0.992 
_reflns.pdbx_CC_star                                   ? 
_reflns.pdbx_R_split                                   ? 
_reflns.pdbx_Rmerge_I_obs                              0.142 
_reflns.pdbx_Rmerge_I_all                              ? 
_reflns.pdbx_Rsym_value                                ? 
_reflns.pdbx_CC_split_method                           ? 
_reflns.pdbx_aniso_diffraction_limit_axis_1_ortho[1]   ? 
_reflns.pdbx_aniso_diffraction_limit_axis_1_ortho[2]   ? 
_reflns.pdbx_aniso_diffraction_limit_axis_1_ortho[3]   ? 
_reflns.pdbx_aniso_diffraction_limit_axis_2_ortho[1]   ? 
_reflns.pdbx_aniso_diffraction_limit_axis_2_ortho[2]   ? 
_reflns.pdbx_aniso_diffraction_limit_axis_2_ortho[3]   ? 
_reflns.pdbx_aniso_diffraction_limit_axis_3_ortho[1]   ? 
_reflns.pdbx_aniso_diffraction_limit_axis_3_ortho[2]   ? 
_reflns.pdbx_aniso_diffraction_limit_axis_3_ortho[3]   ? 
_reflns.pdbx_aniso_diffraction_limit_1                 ? 
_reflns.pdbx_aniso_diffraction_limit_2                 ? 
_reflns.pdbx_aniso_diffraction_limit_3                 ? 
_reflns.pdbx_aniso_B_tensor_eigenvector_1_ortho[1]     ? 
_reflns.pdbx_aniso_B_tensor_eigenvector_1_ortho[2]     ? 
_reflns.pdbx_aniso_B_tensor_eigenvector_1_ortho[3]     ? 
_reflns.pdbx_aniso_B_tensor_eigenvector_2_ortho[1]     ? 
_reflns.pdbx_aniso_B_tensor_eigenvector_2_ortho[2]     ? 
_reflns.pdbx_aniso_B_tensor_eigenvector_2_ortho[3]     ? 
_reflns.pdbx_aniso_B_tensor_eigenvector_3_ortho[1]     ? 
_reflns.pdbx_aniso_B_tensor_eigenvector_3_ortho[2]     ? 
_reflns.pdbx_aniso_B_tensor_eigenvector_3_ortho[3]     ? 
_reflns.pdbx_aniso_B_tensor_eigenvalue_1               ? 
_reflns.pdbx_aniso_B_tensor_eigenvalue_2               ? 
_reflns.pdbx_aniso_B_tensor_eigenvalue_3               ? 
_reflns.pdbx_orthogonalization_convention              ? 
_reflns.pdbx_percent_possible_ellipsoidal              ? 
_reflns.pdbx_percent_possible_spherical                ? 
_reflns.pdbx_percent_possible_ellipsoidal_anomalous    ? 
_reflns.pdbx_percent_possible_spherical_anomalous      ? 
_reflns.pdbx_redundancy_anomalous                      ? 
_reflns.pdbx_CC_half_anomalous                         ? 
_reflns.pdbx_absDiff_over_sigma_anomalous              ? 
_reflns.pdbx_percent_possible_anomalous                ? 
_reflns.pdbx_observed_signal_threshold                 ? 
_reflns.pdbx_signal_type                               ? 
_reflns.pdbx_signal_details                            ? 
_reflns.pdbx_signal_software_id                        ? 
# 
loop_
_reflns_shell.d_res_high 
_reflns_shell.d_res_low 
_reflns_shell.meanI_over_sigI_all 
_reflns_shell.meanI_over_sigI_obs 
_reflns_shell.number_measured_all 
_reflns_shell.number_measured_obs 
_reflns_shell.number_possible 
_reflns_shell.number_unique_all 
_reflns_shell.number_unique_obs 
_reflns_shell.percent_possible_obs 
_reflns_shell.Rmerge_F_all 
_reflns_shell.Rmerge_F_obs 
_reflns_shell.meanI_over_sigI_gt 
_reflns_shell.meanI_over_uI_all 
_reflns_shell.meanI_over_uI_gt 
_reflns_shell.number_measured_gt 
_reflns_shell.number_unique_gt 
_reflns_shell.percent_possible_gt 
_reflns_shell.Rmerge_F_gt 
_reflns_shell.Rmerge_I_gt 
_reflns_shell.pdbx_redundancy 
_reflns_shell.pdbx_chi_squared 
_reflns_shell.pdbx_netI_over_sigmaI_all 
_reflns_shell.pdbx_netI_over_sigmaI_obs 
_reflns_shell.pdbx_Rrim_I_all 
_reflns_shell.pdbx_Rpim_I_all 
_reflns_shell.pdbx_rejects 
_reflns_shell.pdbx_ordinal 
_reflns_shell.pdbx_diffrn_id 
_reflns_shell.pdbx_CC_half 
_reflns_shell.pdbx_CC_star 
_reflns_shell.pdbx_R_split 
_reflns_shell.percent_possible_all 
_reflns_shell.Rmerge_I_all 
_reflns_shell.Rmerge_I_obs 
_reflns_shell.pdbx_Rsym_value 
_reflns_shell.pdbx_percent_possible_ellipsoidal 
_reflns_shell.pdbx_percent_possible_spherical 
_reflns_shell.pdbx_percent_possible_ellipsoidal_anomalous 
_reflns_shell.pdbx_percent_possible_spherical_anomalous 
_reflns_shell.pdbx_redundancy_anomalous 
_reflns_shell.pdbx_CC_half_anomalous 
_reflns_shell.pdbx_absDiff_over_sigma_anomalous 
_reflns_shell.pdbx_percent_possible_anomalous 
1.10 1.16   ? ? ? ? ? ? 101 ? ? ? ? ? ? ? ? ? ? ? ? ? ? ? 1.067 ? ? 1  1 0.651 ? ? ? ? 0.955 ? ? ? ? ? ? ? ? ? 
1.16 1.23   ? ? ? ? ? ? 202 ? ? ? ? ? ? ? ? ? ? ? ? ? ? ? 0.969 ? ? 2  1 0.783 ? ? ? ? 0.866 ? ? ? ? ? ? ? ? ? 
1.23 1.31   ? ? ? ? ? ? 257 ? ? ? ? ? ? ? ? ? ? ? ? ? ? ? 0.593 ? ? 3  1 0.936 ? ? ? ? 0.533 ? ? ? ? ? ? ? ? ? 
1.31 1.42   ? ? ? ? ? ? 289 ? ? ? ? ? ? ? ? ? ? ? ? ? ? ? 0.544 ? ? 4  1 0.927 ? ? ? ? 0.489 ? ? ? ? ? ? ? ? ? 
1.42 1.56   ? ? ? ? ? ? 238 ? ? ? ? ? ? ? ? ? ? ? ? ? ? ? 0.359 ? ? 5  1 0.975 ? ? ? ? 0.323 ? ? ? ? ? ? ? ? ? 
1.56 1.74   ? ? ? ? ? ? 229 ? ? ? ? ? ? ? ? ? ? ? ? ? ? ? 0.308 ? ? 6  1 0.969 ? ? ? ? 0.276 ? ? ? ? ? ? ? ? ? 
1.74 2.01   ? ? ? ? ? ? 199 ? ? ? ? ? ? ? ? ? ? ? ? ? ? ? 0.186 ? ? 7  1 0.985 ? ? ? ? 0.166 ? ? ? ? ? ? ? ? ? 
2.01 2.46   ? ? ? ? ? ? 178 ? ? ? ? ? ? ? ? ? ? ? ? ? ? ? 0.153 ? ? 8  1 0.98  ? ? ? ? 0.135 ? ? ? ? ? ? ? ? ? 
2.46 3.48   ? ? ? ? ? ? 131 ? ? ? ? ? ? ? ? ? ? ? ? ? ? ? 0.127 ? ? 9  1 0.989 ? ? ? ? 0.114 ? ? ? ? ? ? ? ? ? 
3.48 16.123 ? ? ? ? ? ? 74  ? ? ? ? ? ? ? ? ? ? ? ? ? ? ? 0.124 ? ? 10 1 0.992 ? ? ? ? 0.112 ? ? ? ? ? ? ? ? ? 
# 
_refine.aniso_B[1][1]                            -0.460 
_refine.aniso_B[1][2]                            -0.123 
_refine.aniso_B[1][3]                            -1.105 
_refine.aniso_B[2][2]                            0.488 
_refine.aniso_B[2][3]                            -0.219 
_refine.aniso_B[3][3]                            0.305 
_refine.B_iso_max                                ? 
_refine.B_iso_mean                               12.265 
_refine.B_iso_min                                ? 
_refine.correlation_coeff_Fo_to_Fc               0.981 
_refine.correlation_coeff_Fo_to_Fc_free          0.981 
_refine.details                                  'Hydrogens have been used if present in the input file' 
_refine.diff_density_max                         ? 
_refine.diff_density_max_esd                     ? 
_refine.diff_density_min                         ? 
_refine.diff_density_min_esd                     ? 
_refine.diff_density_rms                         ? 
_refine.diff_density_rms_esd                     ? 
_refine.entry_id                                 8T86 
_refine.pdbx_refine_id                           'X-RAY DIFFRACTION' 
_refine.ls_abs_structure_details                 ? 
_refine.ls_abs_structure_Flack                   ? 
_refine.ls_abs_structure_Flack_esd               ? 
_refine.ls_abs_structure_Rogers                  ? 
_refine.ls_abs_structure_Rogers_esd              ? 
_refine.ls_d_res_high                            1.102 
_refine.ls_d_res_low                             16.123 
_refine.ls_extinction_coef                       ? 
_refine.ls_extinction_coef_esd                   ? 
_refine.ls_extinction_expression                 ? 
_refine.ls_extinction_method                     ? 
_refine.ls_goodness_of_fit_all                   ? 
_refine.ls_goodness_of_fit_all_esd               ? 
_refine.ls_goodness_of_fit_obs                   ? 
_refine.ls_goodness_of_fit_obs_esd               ? 
_refine.ls_hydrogen_treatment                    ? 
_refine.ls_matrix_type                           ? 
_refine.ls_number_constraints                    ? 
_refine.ls_number_parameters                     ? 
_refine.ls_number_reflns_all                     ? 
_refine.ls_number_reflns_obs                     1897 
_refine.ls_number_reflns_R_free                  190 
_refine.ls_number_reflns_R_work                  1707 
_refine.ls_number_restraints                     ? 
_refine.ls_percent_reflns_obs                    80.723 
_refine.ls_percent_reflns_R_free                 10.016 
_refine.ls_R_factor_all                          0.154 
_refine.ls_R_factor_obs                          ? 
_refine.ls_R_factor_R_free                       0.1793 
_refine.ls_R_factor_R_free_error                 ? 
_refine.ls_R_factor_R_free_error_details         ? 
_refine.ls_R_factor_R_work                       0.1517 
_refine.ls_R_Fsqd_factor_obs                     ? 
_refine.ls_R_I_factor_obs                        ? 
_refine.ls_redundancy_reflns_all                 ? 
_refine.ls_redundancy_reflns_obs                 ? 
_refine.ls_restrained_S_all                      ? 
_refine.ls_restrained_S_obs                      ? 
_refine.ls_shift_over_esd_max                    ? 
_refine.ls_shift_over_esd_mean                   ? 
_refine.ls_structure_factor_coef                 ? 
_refine.ls_weighting_details                     ? 
_refine.ls_weighting_scheme                      ? 
_refine.ls_wR_factor_all                         ? 
_refine.ls_wR_factor_obs                         ? 
_refine.ls_wR_factor_R_free                      ? 
_refine.ls_wR_factor_R_work                      ? 
_refine.occupancy_max                            ? 
_refine.occupancy_min                            ? 
_refine.solvent_model_details                    'MASK BULK SOLVENT' 
_refine.solvent_model_param_bsol                 ? 
_refine.solvent_model_param_ksol                 ? 
_refine.pdbx_R_complete                          ? 
_refine.ls_R_factor_gt                           ? 
_refine.ls_goodness_of_fit_gt                    ? 
_refine.ls_goodness_of_fit_ref                   ? 
_refine.ls_shift_over_su_max                     ? 
_refine.ls_shift_over_su_max_lt                  ? 
_refine.ls_shift_over_su_mean                    ? 
_refine.ls_shift_over_su_mean_lt                 ? 
_refine.pdbx_ls_sigma_I                          ? 
_refine.pdbx_ls_sigma_F                          ? 
_refine.pdbx_ls_sigma_Fsqd                       ? 
_refine.pdbx_data_cutoff_high_absF               ? 
_refine.pdbx_data_cutoff_high_rms_absF           ? 
_refine.pdbx_data_cutoff_low_absF                ? 
_refine.pdbx_isotropic_thermal_model             ? 
_refine.pdbx_ls_cross_valid_method               'FREE R-VALUE' 
_refine.pdbx_method_to_determine_struct          'AB INITIO PHASING' 
_refine.pdbx_starting_model                      ? 
_refine.pdbx_stereochemistry_target_values       ? 
_refine.pdbx_R_Free_selection_details            ? 
_refine.pdbx_stereochem_target_val_spec_case     ? 
_refine.pdbx_overall_ESU_R                       0.032 
_refine.pdbx_overall_ESU_R_Free                  0.033 
_refine.pdbx_solvent_vdw_probe_radii             1.200 
_refine.pdbx_solvent_ion_probe_radii             0.800 
_refine.pdbx_solvent_shrinkage_radii             0.800 
_refine.pdbx_real_space_R                        ? 
_refine.pdbx_density_correlation                 ? 
_refine.pdbx_pd_number_of_powder_patterns        ? 
_refine.pdbx_pd_number_of_points                 ? 
_refine.pdbx_pd_meas_number_of_points            ? 
_refine.pdbx_pd_proc_ls_prof_R_factor            ? 
_refine.pdbx_pd_proc_ls_prof_wR_factor           ? 
_refine.pdbx_pd_Marquardt_correlation_coeff      ? 
_refine.pdbx_pd_Fsqrd_R_factor                   ? 
_refine.pdbx_pd_ls_matrix_band_width             ? 
_refine.pdbx_overall_phase_error                 ? 
_refine.pdbx_overall_SU_R_free_Cruickshank_DPI   ? 
_refine.pdbx_overall_SU_R_free_Blow_DPI          ? 
_refine.pdbx_overall_SU_R_Blow_DPI               ? 
_refine.pdbx_TLS_residual_ADP_flag               ? 
_refine.pdbx_diffrn_id                           1 
_refine.overall_SU_B                             0.826 
_refine.overall_SU_ML                            0.016 
_refine.overall_SU_R_Cruickshank_DPI             ? 
_refine.overall_SU_R_free                        ? 
_refine.overall_FOM_free_R_set                   ? 
_refine.overall_FOM_work_R_set                   ? 
_refine.pdbx_average_fsc_overall                 ? 
_refine.pdbx_average_fsc_work                    ? 
_refine.pdbx_average_fsc_free                    ? 
# 
_refine_hist.pdbx_refine_id                   'X-RAY DIFFRACTION' 
_refine_hist.cycle_id                         LAST 
_refine_hist.pdbx_number_atoms_protein        34 
_refine_hist.pdbx_number_atoms_nucleic_acid   0 
_refine_hist.pdbx_number_atoms_ligand         0 
_refine_hist.number_atoms_solvent             5 
_refine_hist.number_atoms_total               39 
_refine_hist.d_res_high                       1.102 
_refine_hist.d_res_low                        16.123 
# 
loop_
_refine_ls_restr.pdbx_refine_id 
_refine_ls_restr.criterion 
_refine_ls_restr.dev_ideal 
_refine_ls_restr.dev_ideal_target 
_refine_ls_restr.number 
_refine_ls_restr.rejects 
_refine_ls_restr.type 
_refine_ls_restr.weight 
_refine_ls_restr.pdbx_restraint_function 
'X-RAY DIFFRACTION' ? 0.005 0.013  33 ? r_bond_refined_d               ? ? 
'X-RAY DIFFRACTION' ? 0.001 0.017  37 ? r_bond_other_d                 ? ? 
'X-RAY DIFFRACTION' ? 0.754 1.626  44 ? r_angle_refined_deg            ? ? 
'X-RAY DIFFRACTION' ? 0.287 1.621  85 ? r_angle_other_deg              ? ? 
'X-RAY DIFFRACTION' ? 2.795 5.000  4  ? r_dihedral_angle_1_deg         ? ? 
'X-RAY DIFFRACTION' ? 5.424 15.000 6  ? r_dihedral_angle_3_deg         ? ? 
'X-RAY DIFFRACTION' ? 0.033 0.200  6  ? r_chiral_restr                 ? ? 
'X-RAY DIFFRACTION' ? 0.002 0.020  36 ? r_gen_planes_refined           ? ? 
'X-RAY DIFFRACTION' ? 0.000 0.020  4  ? r_gen_planes_other             ? ? 
'X-RAY DIFFRACTION' ? 0.104 0.200  3  ? r_nbd_refined                  ? ? 
'X-RAY DIFFRACTION' ? 0.152 0.200  23 ? r_symmetry_nbd_other           ? ? 
'X-RAY DIFFRACTION' ? 0.123 0.200  16 ? r_nbtor_refined                ? ? 
'X-RAY DIFFRACTION' ? 0.097 0.200  16 ? r_symmetry_nbtor_other         ? ? 
'X-RAY DIFFRACTION' ? 0.057 0.200  4  ? r_xyhbond_nbd_refined          ? ? 
'X-RAY DIFFRACTION' ? 0.018 0.200  1  ? r_symmetry_nbd_refined         ? ? 
'X-RAY DIFFRACTION' ? 0.160 0.200  8  ? r_nbd_other                    ? ? 
'X-RAY DIFFRACTION' ? 0.094 0.200  4  ? r_symmetry_xyhbond_nbd_refined ? ? 
'X-RAY DIFFRACTION' ? 0.838 1.125  19 ? r_mcbond_it                    ? ? 
'X-RAY DIFFRACTION' ? 0.829 1.105  18 ? r_mcbond_other                 ? ? 
'X-RAY DIFFRACTION' ? 1.013 1.673  22 ? r_mcangle_it                   ? ? 
'X-RAY DIFFRACTION' ? 0.996 1.688  23 ? r_mcangle_other                ? ? 
'X-RAY DIFFRACTION' ? 0.834 1.201  14 ? r_scbond_it                    ? ? 
'X-RAY DIFFRACTION' ? 0.698 1.174  13 ? r_scbond_other                 ? ? 
'X-RAY DIFFRACTION' ? 1.134 1.775  22 ? r_scangle_it                   ? ? 
'X-RAY DIFFRACTION' ? 1.152 1.781  22 ? r_scangle_other                ? ? 
'X-RAY DIFFRACTION' ? 4.700 16.169 32 ? r_lrange_it                    ? ? 
'X-RAY DIFFRACTION' ? 4.945 15.208 27 ? r_lrange_other                 ? ? 
'X-RAY DIFFRACTION' ? 0.386 3.000  69 ? r_rigid_bond_restr             ? ? 
# 
loop_
_refine_ls_shell.pdbx_refine_id 
_refine_ls_shell.d_res_high 
_refine_ls_shell.d_res_low 
_refine_ls_shell.number_reflns_all 
_refine_ls_shell.number_reflns_obs 
_refine_ls_shell.number_reflns_R_free 
_refine_ls_shell.number_reflns_R_work 
_refine_ls_shell.percent_reflns_obs 
_refine_ls_shell.percent_reflns_R_free 
_refine_ls_shell.R_factor_all 
_refine_ls_shell.R_factor_obs 
_refine_ls_shell.R_factor_R_free_error 
_refine_ls_shell.R_factor_R_work 
_refine_ls_shell.redundancy_reflns_all 
_refine_ls_shell.redundancy_reflns_obs 
_refine_ls_shell.wR_factor_all 
_refine_ls_shell.wR_factor_obs 
_refine_ls_shell.wR_factor_R_free 
_refine_ls_shell.wR_factor_R_work 
_refine_ls_shell.pdbx_R_complete 
_refine_ls_shell.pdbx_total_number_of_bins_used 
_refine_ls_shell.pdbx_phase_error 
_refine_ls_shell.pdbx_fsc_work 
_refine_ls_shell.pdbx_fsc_free 
_refine_ls_shell.R_factor_R_free 
'X-RAY DIFFRACTION' 1.102 1.231  657 . 31 277 46.8798 . 0.328 . . 0.324 . . . . . 0.294 . 5 . 0.913 0.918 0.359 
'X-RAY DIFFRACTION' 1.231 1.420  595 . 54 486 90.7563 . 0.234 . . 0.229 . . . . . 0.214 . 5 . 0.968 0.940 0.288 
'X-RAY DIFFRACTION' 1.420 1.736  494 . 46 420 94.3320 . 0.184 . . 0.184 . . . . . 0.170 . 5 . 0.978 0.981 0.188 
'X-RAY DIFFRACTION' 1.736 2.441  394 . 38 338 95.4315 . 0.131 . . 0.129 . . . . . 0.142 . 5 . 0.990 0.989 0.151 
'X-RAY DIFFRACTION' 2.441 16.123 210 . 21 186 98.5714 . 0.117 . . 0.116 . . . . . 0.146 . 5 . 0.985 0.989 0.134 
# 
_struct.entry_id                     8T86 
_struct.title                        'Racemic mixture of amylin segment 25-AILSS-29 forms heterochiral rippled beta-sheet' 
_struct.pdbx_model_details           ? 
_struct.pdbx_formula_weight          ? 
_struct.pdbx_formula_weight_method   ? 
_struct.pdbx_model_type_details      ? 
_struct.pdbx_CASP_flag               N 
# 
_struct_keywords.entry_id        8T86 
_struct_keywords.text            'Rippled beta sheet, amyloid fibril, PROTEIN FIBRIL' 
_struct_keywords.pdbx_keywords   'PROTEIN FIBRIL' 
# 
loop_
_struct_asym.id 
_struct_asym.pdbx_blank_PDB_chainid_flag 
_struct_asym.pdbx_modified 
_struct_asym.entity_id 
_struct_asym.details 
A N N 1 ? 
B N N 2 ? 
# 
_atom_sites.entry_id                    8T86 
_atom_sites.Cartn_transf_matrix[1][1]   ? 
_atom_sites.Cartn_transf_matrix[1][2]   ? 
_atom_sites.Cartn_transf_matrix[1][3]   ? 
_atom_sites.Cartn_transf_matrix[2][1]   ? 
_atom_sites.Cartn_transf_matrix[2][2]   ? 
_atom_sites.Cartn_transf_matrix[2][3]   ? 
_atom_sites.Cartn_transf_matrix[3][1]   ? 
_atom_sites.Cartn_transf_matrix[3][2]   ? 
_atom_sites.Cartn_transf_matrix[3][3]   ? 
_atom_sites.Cartn_transf_vector[1]      ? 
_atom_sites.Cartn_transf_vector[2]      ? 
_atom_sites.Cartn_transf_vector[3]      ? 
_atom_sites.fract_transf_matrix[1][1]   0.00218835 
_atom_sites.fract_transf_matrix[1][2]   0.09732906 
_atom_sites.fract_transf_matrix[1][3]   0.04357023 
_atom_sites.fract_transf_matrix[2][1]   0.09680509 
_atom_sites.fract_transf_matrix[2][2]   -0.00683106 
_atom_sites.fract_transf_matrix[2][3]   0.02983429 
_atom_sites.fract_transf_matrix[3][1]   0.01884784 
_atom_sites.fract_transf_matrix[3][2]   0.03160857 
_atom_sites.fract_transf_matrix[3][3]   -0.04992380 
_atom_sites.fract_transf_vector[1]      0.241654 
_atom_sites.fract_transf_vector[2]      0.459391 
_atom_sites.fract_transf_vector[3]      0.510280 
_atom_sites.solution_primary            ? 
_atom_sites.solution_secondary          ? 
_atom_sites.solution_hydrogens          ? 
_atom_sites.special_details             ? 
# 
loop_
_atom_type.symbol 
_atom_type.pdbx_scat_Z 
_atom_type.pdbx_N_electrons 
_atom_type.scat_Cromer_Mann_a1 
_atom_type.scat_Cromer_Mann_b1 
_atom_type.scat_Cromer_Mann_a2 
_atom_type.scat_Cromer_Mann_b2 
_atom_type.scat_Cromer_Mann_a3 
_atom_type.scat_Cromer_Mann_b3 
_atom_type.scat_Cromer_Mann_a4 
_atom_type.scat_Cromer_Mann_b4 
C 6 6 2.310  20.844 1.020 10.208 1.589 0.569  0.865 51.651 
H 1 1 0.493  10.511 0.323 26.126 0.140 3.142  0.041 57.800 
N 7 7 12.222 0.006  3.135 9.893  2.014 28.997 1.167 0.583  
O 8 8 3.049  13.277 2.287 5.701  1.546 0.324  0.867 32.909 
# 
loop_
_atom_site.group_PDB 
_atom_site.id 
_atom_site.type_symbol 
_atom_site.label_atom_id 
_atom_site.label_alt_id 
_atom_site.label_comp_id 
_atom_site.label_asym_id 
_atom_site.label_entity_id 
_atom_site.label_seq_id 
_atom_site.pdbx_PDB_ins_code 
_atom_site.Cartn_x 
_atom_site.Cartn_y 
_atom_site.Cartn_z 
_atom_site.occupancy 
_atom_site.B_iso_or_equiv 
_atom_site.pdbx_formal_charge 
_atom_site.auth_seq_id 
_atom_site.auth_comp_id 
_atom_site.auth_asym_id 
_atom_site.auth_atom_id 
_atom_site.pdbx_PDB_model_num 
_atom_site.calc_flag 
ATOM   1  N N    . ALA A 1 1 ? 2.381  -3.159 7.080  1.000 12.884 0 25  ALA A N    1 ? 
ATOM   2  C CA   . ALA A 1 1 ? 2.057  -3.419 5.656  1.000 11.807 0 25  ALA A CA   1 ? 
ATOM   3  C C    . ALA A 1 1 ? 2.114  -2.105 4.882  1.000 11.038 0 25  ALA A C    1 ? 
ATOM   4  O O    . ALA A 1 1 ? 2.211  -1.032 5.472  1.000 12.114 0 25  ALA A O    1 ? 
ATOM   5  C CB   . ALA A 1 1 ? 0.699  -4.069 5.565  1.000 12.048 0 25  ALA A CB   1 ? 
ATOM   6  H H1   . ALA A 1 1 ? 1.618  -2.981 7.547  1.000 12.814 0 25  ALA A H1   1 c 
ATOM   7  H H2   . ALA A 1 1 ? 2.980  -2.411 7.150  1.000 12.742 0 25  ALA A H2   1 c 
ATOM   8  H H3   . ALA A 1 1 ? 2.807  -3.936 7.446  1.000 12.681 0 25  ALA A H3   1 c 
ATOM   9  H HA   . ALA A 1 1 ? 2.733  -4.033 5.287  1.000 11.873 0 25  ALA A HA   1 c 
ATOM   10 H HB1  . ALA A 1 1 ? 0.541  -4.364 4.652  1.000 12.033 0 25  ALA A HB1  1 c 
ATOM   11 H HB2  . ALA A 1 1 ? 0.665  -4.834 6.163  1.000 11.979 0 25  ALA A HB2  1 c 
ATOM   12 H HB3  . ALA A 1 1 ? 0.014  -3.428 5.820  1.000 12.051 0 25  ALA A HB3  1 c 
ATOM   13 N N    . ILE A 1 2 ? 2.080  -2.213 3.554  1.000 10.833 0 26  ILE A N    1 ? 
ATOM   14 C CA   . ILE A 1 2 ? 2.076  -1.054 2.674  1.000 10.118 0 26  ILE A CA   1 ? 
ATOM   15 C C    . ILE A 1 2 ? 1.062  -1.302 1.565  1.000 9.958  0 26  ILE A C    1 ? 
ATOM   16 O O    . ILE A 1 2 ? 1.009  -2.407 1.029  1.000 10.667 0 26  ILE A O    1 ? 
ATOM   17 C CB   . ILE A 1 2 ? 3.488  -0.773 2.115  1.000 10.426 0 26  ILE A CB   1 ? 
ATOM   18 C CG1  . ILE A 1 2 ? 3.527  0.520  1.292  1.000 10.022 0 26  ILE A CG1  1 ? 
ATOM   19 C CG2  . ILE A 1 2 ? 4.015  -1.950 1.304  1.000 10.164 0 26  ILE A CG2  1 ? 
ATOM   20 C CD1  . ILE A 1 2 ? 4.925  0.948  0.901  1.000 11.145 0 26  ILE A CD1  1 ? 
ATOM   21 H H    . ILE A 1 2 ? 2.048  -3.134 3.139  1.000 10.905 0 26  ILE A H    1 c 
ATOM   22 H HA   . ILE A 1 2 ? 1.791  -0.279 3.186  1.000 10.300 0 26  ILE A HA   1 c 
ATOM   23 H HB   . ILE A 1 2 ? 4.092  -0.649 2.888  1.000 10.399 0 26  ILE A HB   1 c 
ATOM   24 H HG12 . ILE A 1 2 ? 2.998  0.391  0.477  1.000 10.141 0 26  ILE A HG12 1 c 
ATOM   25 H HG13 . ILE A 1 2 ? 3.111  1.238  1.814  1.000 10.161 0 26  ILE A HG13 1 c 
ATOM   26 H HG21 . ILE A 1 2 ? 3.870  -2.778 1.792  1.000 10.210 0 26  ILE A HG21 1 c 
ATOM   27 H HG22 . ILE A 1 2 ? 4.968  -1.835 1.145  1.000 10.313 0 26  ILE A HG22 1 c 
ATOM   28 H HG23 . ILE A 1 2 ? 3.552  -1.993 0.450  1.000 10.240 0 26  ILE A HG23 1 c 
ATOM   29 H HD11 . ILE A 1 2 ? 5.528  0.820  1.654  1.000 10.995 0 26  ILE A HD11 1 c 
ATOM   30 H HD12 . ILE A 1 2 ? 4.919  1.888  0.649  1.000 10.981 0 26  ILE A HD12 1 c 
ATOM   31 H HD13 . ILE A 1 2 ? 5.231  0.414  0.148  1.000 10.982 0 26  ILE A HD13 1 c 
ATOM   32 N N    . LEU A 1 3 ? 0.278  -0.264 1.245  1.000 9.999  0 27  LEU A N    1 ? 
ATOM   33 C CA   . LEU A 1 3 ? -0.688 -0.316 0.159  1.000 10.705 0 27  LEU A CA   1 ? 
ATOM   34 C C    . LEU A 1 3 ? -0.567 0.961  -0.666 1.000 10.449 0 27  LEU A C    1 ? 
ATOM   35 O O    . LEU A 1 3 ? -0.423 2.044  -0.108 1.000 11.103 0 27  LEU A O    1 ? 
ATOM   36 C CB   . LEU A 1 3 ? -2.112 -0.457 0.710  1.000 11.226 0 27  LEU A CB   1 ? 
ATOM   37 C CG   . LEU A 1 3 ? -2.396 -1.707 1.544  1.000 11.559 0 27  LEU A CG   1 ? 
ATOM   38 C CD1  . LEU A 1 3 ? -3.764 -1.608 2.207  1.000 12.601 0 27  LEU A CD1  1 ? 
ATOM   39 C CD2  . LEU A 1 3 ? -2.301 -2.971 0.702  1.000 11.729 0 27  LEU A CD2  1 ? 
ATOM   40 H H    . LEU A 1 3 ? 0.360  0.592  1.776  1.000 9.923  0 27  LEU A H    1 c 
ATOM   41 H HA   . LEU A 1 3 ? -0.478 -1.087 -0.415 1.000 10.869 0 27  LEU A HA   1 c 
ATOM   42 H HB2  . LEU A 1 3 ? -2.306 0.328  1.259  1.000 11.181 0 27  LEU A HB2  1 c 
ATOM   43 H HB3  . LEU A 1 3 ? -2.734 -0.446 -0.045 1.000 11.185 0 27  LEU A HB3  1 c 
ATOM   44 H HG   . LEU A 1 3 ? -1.715 -1.762 2.258  1.000 11.591 0 27  LEU A HG   1 c 
ATOM   45 H HD11 . LEU A 1 3 ? -3.741 -0.918 2.895  1.000 12.508 0 27  LEU A HD11 1 c 
ATOM   46 H HD12 . LEU A 1 3 ? -3.990 -2.465 2.613  1.000 12.397 0 27  LEU A HD12 1 c 
ATOM   47 H HD13 . LEU A 1 3 ? -4.434 -1.378 1.537  1.000 12.436 0 27  LEU A HD13 1 c 
ATOM   48 H HD21 . LEU A 1 3 ? -2.918 -2.910 -0.048 1.000 11.749 0 27  LEU A HD21 1 c 
ATOM   49 H HD22 . LEU A 1 3 ? -2.531 -3.743 1.248  1.000 11.780 0 27  LEU A HD22 1 c 
ATOM   50 H HD23 . LEU A 1 3 ? -1.394 -3.072 0.367  1.000 11.549 0 27  LEU A HD23 1 c 
ATOM   51 N N    . SER A 1 4 ? -0.638 0.833  -1.993 1.000 10.069 0 28  SER A N    1 ? 
ATOM   52 C CA   . SER A 1 4 ? -0.476 1.974  -2.875 1.000 10.703 0 28  SER A CA   1 ? 
ATOM   53 C C    . SER A 1 4 ? -1.386 1.804  -4.082 1.000 11.323 0 28  SER A C    1 ? 
ATOM   54 O O    . SER A 1 4 ? -1.415 0.731  -4.676 1.000 12.563 0 28  SER A O    1 ? 
ATOM   55 C CB   . SER A 1 4 ? 0.977  2.126  -3.278 1.000 11.961 0 28  SER A CB   1 ? 
ATOM   56 O OG   . SER A 1 4 ? 1.192  3.320  -4.019 1.000 14.065 0 28  SER A OG   1 ? 
ATOM   57 H H    . SER A 1 4 ? -0.811 -0.077 -2.398 1.000 10.140 0 28  SER A H    1 c 
ATOM   58 H HA   . SER A 1 4 ? -0.756 2.792  -2.383 1.000 10.806 0 28  SER A HA   1 c 
ATOM   59 H HB2  . SER A 1 4 ? 1.538  2.139  -2.470 1.000 11.934 0 28  SER A HB2  1 c 
ATOM   60 H HB3  . SER A 1 4 ? 1.245  1.352  -3.823 1.000 12.059 0 28  SER A HB3  1 c 
ATOM   61 N N    . SER A 1 5 ? -2.110 2.868  -4.443 1.000 11.397 0 29  SER A N    1 ? 
ATOM   62 C CA   . SER A 1 5 ? -2.968 2.815  -5.614 1.000 12.923 0 29  SER A CA   1 ? 
ATOM   63 C C    . SER A 1 5 ? -2.133 2.953  -6.899 1.000 14.010 0 29  SER A C    1 ? 
ATOM   64 O O    . SER A 1 5 ? -0.994 3.469  -6.897 1.000 15.021 0 29  SER A O    1 ? 
ATOM   65 C CB   . SER A 1 5 ? -4.085 3.833  -5.540 1.000 15.075 0 29  SER A CB   1 ? 
ATOM   66 O OG   . SER A 1 5 ? -3.597 5.162  -5.562 1.000 16.967 0 29  SER A OG   1 ? 
ATOM   67 O OXT  . SER A 1 5 ? -2.582 2.529  -7.975 1.000 15.113 0 29  SER A OXT  1 ? 
ATOM   68 H H    . SER A 1 5 ? -2.064 3.721  -3.903 1.000 11.387 0 29  SER A H    1 c 
ATOM   69 H HA   . SER A 1 5 ? -3.389 1.913  -5.631 1.000 13.162 0 29  SER A HA   1 c 
ATOM   70 H HB2  . SER A 1 5 ? -4.695 3.699  -6.301 1.000 15.057 0 29  SER A HB2  1 c 
ATOM   71 H HB3  . SER A 1 5 ? -4.598 3.690  -4.713 1.000 14.770 0 29  SER A HB3  1 c 
HETATM 72 O O    . HOH B 2 . ? 2.223  4.791  -2.089 1.000 38.193 0 101 HOH A O    1 ? 
HETATM 73 O O    . HOH B 2 . ? -0.225 5.700  -5.602 1.000 14.966 0 102 HOH A O    1 ? 
HETATM 74 O O    . HOH B 2 . ? 2.967  3.094  -6.089 1.000 14.523 0 103 HOH A O    1 ? 
HETATM 75 O O    . HOH B 2 . ? -5.244 1.976  -8.407 1.000 15.468 0 104 HOH A O    1 ? 
HETATM 76 O O    . HOH B 2 . ? 1.502  3.374  -8.380 1.000 16.955 0 105 HOH A O    1 ? 
# 
loop_
_atom_site_anisotrop.id 
_atom_site_anisotrop.type_symbol 
_atom_site_anisotrop.pdbx_label_atom_id 
_atom_site_anisotrop.pdbx_label_alt_id 
_atom_site_anisotrop.pdbx_label_comp_id 
_atom_site_anisotrop.pdbx_label_asym_id 
_atom_site_anisotrop.pdbx_label_seq_id 
_atom_site_anisotrop.pdbx_PDB_ins_code 
_atom_site_anisotrop.U[1][1] 
_atom_site_anisotrop.U[2][2] 
_atom_site_anisotrop.U[3][3] 
_atom_site_anisotrop.U[1][2] 
_atom_site_anisotrop.U[1][3] 
_atom_site_anisotrop.U[2][3] 
_atom_site_anisotrop.pdbx_auth_seq_id 
_atom_site_anisotrop.pdbx_auth_comp_id 
_atom_site_anisotrop.pdbx_auth_asym_id 
_atom_site_anisotrop.pdbx_auth_atom_id 
1  N N    . ALA A 1 ? 0.2262 0.1994 0.0644 0.0123  -0.0264 0.0063  25  ALA A N    
2  C CA   . ALA A 1 ? 0.1855 0.1929 0.0706 0.0164  -0.0296 -0.0030 25  ALA A CA   
3  C C    . ALA A 1 ? 0.1603 0.1865 0.0722 0.0218  -0.0173 -0.0070 25  ALA A C    
4  O O    . ALA A 1 ? 0.2071 0.1908 0.0631 0.0247  -0.0240 -0.0086 25  ALA A O    
5  C CB   . ALA A 1 ? 0.1964 0.1862 0.0755 0.0055  -0.0190 -0.0032 25  ALA A CB   
6  H H1   . ALA A 1 ? 0.2193 0.1986 0.0691 0.0121  -0.0304 0.0040  25  ALA A H1   
7  H H2   . ALA A 1 ? 0.2159 0.1998 0.0673 0.0157  -0.0276 0.0034  25  ALA A H2   
8  H H3   . ALA A 1 ? 0.2152 0.1986 0.0683 0.0130  -0.0273 0.0025  25  ALA A H3   
9  H HA   . ALA A 1 ? 0.1886 0.1912 0.0701 0.0149  -0.0243 -0.0024 25  ALA A HA   
10 H HB1  . ALA A 1 ? 0.1934 0.1885 0.0751 0.0093  -0.0219 -0.0024 25  ALA A HB1  
11 H HB2  . ALA A 1 ? 0.1935 0.1876 0.0739 0.0084  -0.0220 -0.0026 25  ALA A HB2  
12 H HB3  . ALA A 1 ? 0.1952 0.1894 0.0743 0.0079  -0.0232 -0.0022 25  ALA A HB3  
13 N N    . ILE A 2 ? 0.1512 0.1896 0.0703 0.0168  -0.0288 0.0062  26  ILE A N    
14 C CA   . ILE A 2 ? 0.1351 0.1766 0.0733 0.0146  -0.0331 -0.0029 26  ILE A CA   
15 C C    . ILE A 2 ? 0.1313 0.1710 0.0757 0.0191  -0.0333 -0.0015 26  ILE A C    
16 O O    . ILE A 2 ? 0.1426 0.1746 0.0888 0.0162  -0.0421 -0.0078 26  ILE A O    
17 C CB   . ILE A 2 ? 0.1371 0.1674 0.0905 0.0102  -0.0258 -0.0152 26  ILE A CB   
18 C CG1  . ILE A 2 ? 0.1414 0.1597 0.0789 0.0103  -0.0310 -0.0243 26  ILE A CG1  
19 C CG2  . ILE A 2 ? 0.1381 0.1668 0.0821 0.0053  -0.0217 -0.0128 26  ILE A CG2  
20 C CD1  . ILE A 2 ? 0.1449 0.1751 0.1031 0.0032  -0.0288 -0.0272 26  ILE A CD1  
21 H H    . ILE A 2 ? 0.1495 0.1909 0.0736 0.0172  -0.0271 0.0032  26  ILE A H    
22 H HA   . ILE A 2 ? 0.1388 0.1769 0.0762 0.0158  -0.0306 -0.0036 26  ILE A HA   
23 H HB   . ILE A 2 ? 0.1401 0.1674 0.0875 0.0102  -0.0246 -0.0143 26  ILE A HB   
24 H HG12 . ILE A 2 ? 0.1395 0.1644 0.0821 0.0093  -0.0324 -0.0238 26  ILE A HG12 
25 H HG13 . ILE A 2 ? 0.1406 0.1622 0.0842 0.0110  -0.0289 -0.0253 26  ILE A HG13 
26 H HG21 . ILE A 2 ? 0.1385 0.1653 0.0842 0.0070  -0.0239 -0.0120 26  ILE A HG21 
27 H HG22 . ILE A 2 ? 0.1371 0.1672 0.0867 0.0083  -0.0238 -0.0141 26  ILE A HG22 
28 H HG23 . ILE A 2 ? 0.1377 0.1667 0.0846 0.0076  -0.0244 -0.0132 26  ILE A HG23 
29 H HD11 . ILE A 2 ? 0.1465 0.1715 0.1000 0.0048  -0.0268 -0.0262 26  ILE A HD11 
30 H HD12 . ILE A 2 ? 0.1451 0.1758 0.0971 0.0058  -0.0292 -0.0268 26  ILE A HD12 
31 H HD13 . ILE A 2 ? 0.1451 0.1725 0.0994 0.0045  -0.0296 -0.0238 26  ILE A HD13 
32 N N    . LEU A 3 ? 0.1324 0.1697 0.0768 0.0197  -0.0371 -0.0057 27  LEU A N    
33 C CA   . LEU A 3 ? 0.1344 0.1957 0.0759 0.0159  -0.0379 0.0144  27  LEU A CA   
34 C C    . LEU A 3 ? 0.1449 0.1951 0.0570 0.0139  -0.0313 0.0081  27  LEU A C    
35 O O    . LEU A 3 ? 0.1609 0.1999 0.0612 0.0186  -0.0359 -0.0039 27  LEU A O    
36 C CB   . LEU A 3 ? 0.1342 0.2024 0.0904 0.0107  -0.0387 0.0046  27  LEU A CB   
37 C CG   . LEU A 3 ? 0.1473 0.2058 0.0849 0.0133  -0.0348 0.0064  27  LEU A CG   
38 C CD1  . LEU A 3 ? 0.1504 0.2252 0.1034 0.0107  -0.0294 0.0123  27  LEU A CD1  
39 C CD2  . LEU A 3 ? 0.1347 0.2136 0.0976 0.0052  -0.0292 -0.0048 27  LEU A CD2  
40 H H    . LEU A 3 ? 0.1333 0.1697 0.0740 0.0173  -0.0368 -0.0041 27  LEU A H    
41 H HA   . LEU A 3 ? 0.1372 0.1975 0.0783 0.0127  -0.0368 0.0105  27  LEU A HA   
42 H HB2  . LEU A 3 ? 0.1378 0.2015 0.0858 0.0129  -0.0374 0.0072  27  LEU A HB2  
43 H HB3  . LEU A 3 ? 0.1378 0.2015 0.0858 0.0129  -0.0374 0.0072  27  LEU A HB3  
44 H HG   . LEU A 3 ? 0.1413 0.2088 0.0898 0.0109  -0.0342 0.0044  27  LEU A HG   
45 H HD11 . LEU A 3 ? 0.1489 0.2228 0.1023 0.0117  -0.0299 0.0136  27  LEU A HD11 
46 H HD12 . LEU A 3 ? 0.1498 0.2225 0.0988 0.0118  -0.0310 0.0090  27  LEU A HD12 
47 H HD13 . LEU A 3 ? 0.1511 0.2205 0.1013 0.0109  -0.0285 0.0100  27  LEU A HD13 
48 H HD21 . LEU A 3 ? 0.1391 0.2114 0.0954 0.0078  -0.0296 -0.0019 27  LEU A HD21 
49 H HD22 . LEU A 3 ? 0.1389 0.2135 0.0956 0.0087  -0.0309 -0.0024 27  LEU A HD22 
50 H HD23 . LEU A 3 ? 0.1352 0.2100 0.0938 0.0086  -0.0298 -0.0011 27  LEU A HD23 
51 N N    . SER A 4 ? 0.1494 0.1757 0.0579 0.0079  -0.0215 0.0011  28  SER A N    
52 C CA   . SER A 4 ? 0.1669 0.1803 0.0598 0.0190  -0.0251 0.0063  28  SER A CA   
53 C C    . SER A 4 ? 0.1735 0.1799 0.0776 0.0171  -0.0376 -0.0028 28  SER A C    
54 O O    . SER A 4 ? 0.2106 0.1809 0.0855 0.0135  -0.0526 -0.0076 28  SER A O    
55 C CB   . SER A 4 ? 0.1658 0.2080 0.0802 0.0137  -0.0278 0.0112  28  SER A CB   
56 O OG   . SER A 4 ? 0.2073 0.2280 0.0987 0.0044  -0.0154 0.0295  28  SER A OG   
57 H H    . SER A 4 ? 0.1526 0.1752 0.0582 0.0105  -0.0258 0.0014  28  SER A H    
58 H HA   . SER A 4 ? 0.1652 0.1810 0.0648 0.0167  -0.0276 0.0023  28  SER A HA   
59 H HB2  . SER A 4 ? 0.1735 0.2048 0.0757 0.0127  -0.0270 0.0139  28  SER A HB2  
60 H HB3  . SER A 4 ? 0.1741 0.2050 0.0789 0.0123  -0.0251 0.0141  28  SER A HB3  
61 N N    . SER A 5 ? 0.1931 0.1770 0.0628 0.0226  -0.0354 -0.0099 29  SER A N    
62 C CA   . SER A 5 ? 0.2188 0.1996 0.0727 0.0267  -0.0536 0.0081  29  SER A CA   
63 C C    . SER A 5 ? 0.2604 0.1968 0.0748 0.0026  -0.0396 -0.0063 29  SER A C    
64 O O    . SER A 5 ? 0.2569 0.2193 0.0948 0.0047  -0.0392 -0.0101 29  SER A O    
65 C CB   . SER A 5 ? 0.2444 0.2168 0.1118 0.0479  -0.0565 0.0095  29  SER A CB   
66 O OG   . SER A 5 ? 0.2764 0.2092 0.1595 0.0483  -0.0936 -0.0025 29  SER A OG   
67 O OXT  . SER A 5 ? 0.2816 0.2192 0.0732 -0.0107 -0.0521 0.0079  29  SER A OXT  
68 H H    . SER A 5 ? 0.1918 0.1750 0.0662 0.0211  -0.0393 -0.0087 29  SER A H    
69 H HA   . SER A 5 ? 0.2228 0.1987 0.0785 0.0258  -0.0477 0.0017  29  SER A HA   
70 H HB2  . SER A 5 ? 0.2464 0.2100 0.1166 0.0421  -0.0585 0.0079  29  SER A HB2  
71 H HB3  . SER A 5 ? 0.2429 0.2102 0.1089 0.0419  -0.0605 0.0075  29  SER A HB3  
72 O O    . HOH B . ? 0.9851 0.3232 0.1427 -0.1896 -0.1768 0.0148  101 HOH A O    
73 O O    . HOH B . ? 0.2197 0.2357 0.1126 -0.0063 -0.0096 -0.0253 102 HOH A O    
74 O O    . HOH B . ? 0.2026 0.2409 0.1075 0.0015  -0.0321 -0.0060 103 HOH A O    
75 O O    . HOH B . ? 0.2825 0.2222 0.0833 -0.0129 -0.0288 0.0034  104 HOH A O    
76 O O    . HOH B . ? 0.2903 0.2467 0.1069 -0.0038 -0.0513 0.0002  105 HOH A O    
# 
loop_
_pdbx_poly_seq_scheme.asym_id 
_pdbx_poly_seq_scheme.entity_id 
_pdbx_poly_seq_scheme.seq_id 
_pdbx_poly_seq_scheme.mon_id 
_pdbx_poly_seq_scheme.ndb_seq_num 
_pdbx_poly_seq_scheme.pdb_seq_num 
_pdbx_poly_seq_scheme.auth_seq_num 
_pdbx_poly_seq_scheme.pdb_mon_id 
_pdbx_poly_seq_scheme.auth_mon_id 
_pdbx_poly_seq_scheme.pdb_strand_id 
_pdbx_poly_seq_scheme.pdb_ins_code 
_pdbx_poly_seq_scheme.hetero 
A 1 1 ALA 1 25 25 ALA ALA A . n 
A 1 2 ILE 2 26 26 ILE ILE A . n 
A 1 3 LEU 3 27 27 LEU LEU A . n 
A 1 4 SER 4 28 28 SER SER A . n 
A 1 5 SER 5 29 29 SER SER A . n 
# 
_pdbx_contact_author.id                 2 
_pdbx_contact_author.email              jraskato@ucsc.edu 
_pdbx_contact_author.name_first         Jevgenij 
_pdbx_contact_author.name_last          Raskatov 
_pdbx_contact_author.name_mi            A 
_pdbx_contact_author.role               'principal investigator/group leader' 
_pdbx_contact_author.identifier_ORCID   0000-0002-0082-9113 
# 
loop_
_pdbx_nonpoly_scheme.asym_id 
_pdbx_nonpoly_scheme.entity_id 
_pdbx_nonpoly_scheme.mon_id 
_pdbx_nonpoly_scheme.ndb_seq_num 
_pdbx_nonpoly_scheme.pdb_seq_num 
_pdbx_nonpoly_scheme.auth_seq_num 
_pdbx_nonpoly_scheme.pdb_mon_id 
_pdbx_nonpoly_scheme.auth_mon_id 
_pdbx_nonpoly_scheme.pdb_strand_id 
_pdbx_nonpoly_scheme.pdb_ins_code 
B 2 HOH 1 101 105 HOH HOH A . 
B 2 HOH 2 102 103 HOH HOH A . 
B 2 HOH 3 103 101 HOH HOH A . 
B 2 HOH 4 104 102 HOH HOH A . 
B 2 HOH 5 105 104 HOH HOH A . 
# 
_pdbx_struct_assembly.id                   1 
_pdbx_struct_assembly.details              author_defined_assembly 
_pdbx_struct_assembly.method_details       ? 
_pdbx_struct_assembly.oligomeric_details   hexameric 
_pdbx_struct_assembly.oligomeric_count     6 
# 
loop_
_pdbx_struct_assembly_gen.assembly_id 
_pdbx_struct_assembly_gen.oper_expression 
_pdbx_struct_assembly_gen.asym_id_list 
1 1 A,B 
1 2 A,B 
1 3 A,B 
1 4 A,B 
1 5 A,B 
1 6 A,B 
# 
loop_
_pdbx_struct_oper_list.id 
_pdbx_struct_oper_list.type 
_pdbx_struct_oper_list.name 
_pdbx_struct_oper_list.symmetry_operation 
_pdbx_struct_oper_list.matrix[1][1] 
_pdbx_struct_oper_list.matrix[1][2] 
_pdbx_struct_oper_list.matrix[1][3] 
_pdbx_struct_oper_list.vector[1] 
_pdbx_struct_oper_list.matrix[2][1] 
_pdbx_struct_oper_list.matrix[2][2] 
_pdbx_struct_oper_list.matrix[2][3] 
_pdbx_struct_oper_list.vector[2] 
_pdbx_struct_oper_list.matrix[3][1] 
_pdbx_struct_oper_list.matrix[3][2] 
_pdbx_struct_oper_list.matrix[3][3] 
_pdbx_struct_oper_list.vector[3] 
1 'identity operation'         1_555 x,y,z          1.0000000000  0.0000000000 0.0000000000 0.0000000000  0.0000000000 1.0000000000  0.0000000000 0.0000000000   0.0000000000 0.0000000000 1.0000000000  0.0000000000  
2 'crystal symmetry operation' 1_655 x+1,y,z        1.0000000000  0.0000000000 0.0000000000 -0.9083555996 0.0000000000 1.0000000000  0.0000000000 8.1409626799   0.0000000000 0.0000000000 1.0000000000  4.8114048623  
3 'crystal symmetry operation' 1_455 x-1,y,z        1.0000000000  0.0000000000 0.0000000000 0.9083555996  0.0000000000 1.0000000000  0.0000000000 -8.1409626799  0.0000000000 0.0000000000 1.0000000000  -4.8114048623 
4 'crystal symmetry operation' 2_566 -x,-y+1,-z+1   -1.0000000000 0.0000000000 0.0000000000 1.1039750258  0.0000000000 -1.0000000000 0.0000000000 -4.1775043155  0.0000000000 0.0000000000 -1.0000000000 -1.8163249268 
5 'crystal symmetry operation' 2_466 -x-1,-y+1,-z+1 -1.0000000000 0.0000000000 0.0000000000 2.0123306254  0.0000000000 -1.0000000000 0.0000000000 -12.3184669954 0.0000000000 0.0000000000 -1.0000000000 -6.6277297891 
6 'crystal symmetry operation' 2_666 -x+1,-y+1,-z+1 -1.0000000000 0.0000000000 0.0000000000 0.1956194262  0.0000000000 -1.0000000000 0.0000000000 3.9634583644   0.0000000000 0.0000000000 -1.0000000000 2.9950799355 
# 
loop_
_pdbx_audit_revision_history.ordinal 
_pdbx_audit_revision_history.data_content_type 
_pdbx_audit_revision_history.major_revision 
_pdbx_audit_revision_history.minor_revision 
_pdbx_audit_revision_history.revision_date 
1 'Structure model' 1 0 2023-11-29 
2 'Structure model' 1 1 2023-12-13 
# 
_pdbx_audit_revision_details.ordinal             1 
_pdbx_audit_revision_details.revision_ordinal    1 
_pdbx_audit_revision_details.data_content_type   'Structure model' 
_pdbx_audit_revision_details.provider            repository 
_pdbx_audit_revision_details.type                'Initial release' 
_pdbx_audit_revision_details.description         ? 
_pdbx_audit_revision_details.details             ? 
# 
_pdbx_audit_revision_group.ordinal             1 
_pdbx_audit_revision_group.revision_ordinal    2 
_pdbx_audit_revision_group.data_content_type   'Structure model' 
_pdbx_audit_revision_group.group               'Database references' 
# 
loop_
_pdbx_audit_revision_category.ordinal 
_pdbx_audit_revision_category.revision_ordinal 
_pdbx_audit_revision_category.data_content_type 
_pdbx_audit_revision_category.category 
1 2 'Structure model' citation        
2 2 'Structure model' citation_author 
# 
loop_
_pdbx_audit_revision_item.ordinal 
_pdbx_audit_revision_item.revision_ordinal 
_pdbx_audit_revision_item.data_content_type 
_pdbx_audit_revision_item.item 
1 2 'Structure model' '_citation.journal_volume'          
2 2 'Structure model' '_citation.page_first'              
3 2 'Structure model' '_citation.page_last'               
4 2 'Structure model' '_citation_author.identifier_ORCID' 
# 
loop_
_software.citation_id 
_software.classification 
_software.compiler_name 
_software.compiler_version 
_software.contact_author 
_software.contact_author_email 
_software.date 
_software.description 
_software.dependencies 
_software.hardware 
_software.language 
_software.location 
_software.mods 
_software.name 
_software.os 
_software.os_version 
_software.type 
_software.version 
_software.pdbx_ordinal 
? refinement       ? ? ? ? ? ? ? ? ? ? ? REFMAC ? ? ? 5.8.0267 1 
? 'data scaling'   ? ? ? ? ? ? ? ? ? ? ? XSCALE ? ? ? .        2 
? 'data reduction' ? ? ? ? ? ? ? ? ? ? ? XDS    ? ? ? .        3 
? phasing          ? ? ? ? ? ? ? ? ? ? ? SHELXD ? ? ? .        4 
# 
loop_
_chem_comp_atom.comp_id 
_chem_comp_atom.atom_id 
_chem_comp_atom.type_symbol 
_chem_comp_atom.pdbx_aromatic_flag 
_chem_comp_atom.pdbx_stereo_config 
_chem_comp_atom.pdbx_ordinal 
ALA N    N N N 1  
ALA CA   C N S 2  
ALA C    C N N 3  
ALA O    O N N 4  
ALA CB   C N N 5  
ALA OXT  O N N 6  
ALA H    H N N 7  
ALA H2   H N N 8  
ALA HA   H N N 9  
ALA HB1  H N N 10 
ALA HB2  H N N 11 
ALA HB3  H N N 12 
ALA HXT  H N N 13 
HOH O    O N N 14 
HOH H1   H N N 15 
HOH H2   H N N 16 
ILE N    N N N 17 
ILE CA   C N S 18 
ILE C    C N N 19 
ILE O    O N N 20 
ILE CB   C N S 21 
ILE CG1  C N N 22 
ILE CG2  C N N 23 
ILE CD1  C N N 24 
ILE OXT  O N N 25 
ILE H    H N N 26 
ILE H2   H N N 27 
ILE HA   H N N 28 
ILE HB   H N N 29 
ILE HG12 H N N 30 
ILE HG13 H N N 31 
ILE HG21 H N N 32 
ILE HG22 H N N 33 
ILE HG23 H N N 34 
ILE HD11 H N N 35 
ILE HD12 H N N 36 
ILE HD13 H N N 37 
ILE HXT  H N N 38 
LEU N    N N N 39 
LEU CA   C N S 40 
LEU C    C N N 41 
LEU O    O N N 42 
LEU CB   C N N 43 
LEU CG   C N N 44 
LEU CD1  C N N 45 
LEU CD2  C N N 46 
LEU OXT  O N N 47 
LEU H    H N N 48 
LEU H2   H N N 49 
LEU HA   H N N 50 
LEU HB2  H N N 51 
LEU HB3  H N N 52 
LEU HG   H N N 53 
LEU HD11 H N N 54 
LEU HD12 H N N 55 
LEU HD13 H N N 56 
LEU HD21 H N N 57 
LEU HD22 H N N 58 
LEU HD23 H N N 59 
LEU HXT  H N N 60 
SER N    N N N 61 
SER CA   C N S 62 
SER C    C N N 63 
SER O    O N N 64 
SER CB   C N N 65 
SER OG   O N N 66 
SER OXT  O N N 67 
SER H    H N N 68 
SER H2   H N N 69 
SER HA   H N N 70 
SER HB2  H N N 71 
SER HB3  H N N 72 
SER HG   H N N 73 
SER HXT  H N N 74 
# 
loop_
_chem_comp_bond.comp_id 
_chem_comp_bond.atom_id_1 
_chem_comp_bond.atom_id_2 
_chem_comp_bond.value_order 
_chem_comp_bond.pdbx_aromatic_flag 
_chem_comp_bond.pdbx_stereo_config 
_chem_comp_bond.pdbx_ordinal 
ALA N   CA   sing N N 1  
ALA N   H    sing N N 2  
ALA N   H2   sing N N 3  
ALA CA  C    sing N N 4  
ALA CA  CB   sing N N 5  
ALA CA  HA   sing N N 6  
ALA C   O    doub N N 7  
ALA C   OXT  sing N N 8  
ALA CB  HB1  sing N N 9  
ALA CB  HB2  sing N N 10 
ALA CB  HB3  sing N N 11 
ALA OXT HXT  sing N N 12 
HOH O   H1   sing N N 13 
HOH O   H2   sing N N 14 
ILE N   CA   sing N N 15 
ILE N   H    sing N N 16 
ILE N   H2   sing N N 17 
ILE CA  C    sing N N 18 
ILE CA  CB   sing N N 19 
ILE CA  HA   sing N N 20 
ILE C   O    doub N N 21 
ILE C   OXT  sing N N 22 
ILE CB  CG1  sing N N 23 
ILE CB  CG2  sing N N 24 
ILE CB  HB   sing N N 25 
ILE CG1 CD1  sing N N 26 
ILE CG1 HG12 sing N N 27 
ILE CG1 HG13 sing N N 28 
ILE CG2 HG21 sing N N 29 
ILE CG2 HG22 sing N N 30 
ILE CG2 HG23 sing N N 31 
ILE CD1 HD11 sing N N 32 
ILE CD1 HD12 sing N N 33 
ILE CD1 HD13 sing N N 34 
ILE OXT HXT  sing N N 35 
LEU N   CA   sing N N 36 
LEU N   H    sing N N 37 
LEU N   H2   sing N N 38 
LEU CA  C    sing N N 39 
LEU CA  CB   sing N N 40 
LEU CA  HA   sing N N 41 
LEU C   O    doub N N 42 
LEU C   OXT  sing N N 43 
LEU CB  CG   sing N N 44 
LEU CB  HB2  sing N N 45 
LEU CB  HB3  sing N N 46 
LEU CG  CD1  sing N N 47 
LEU CG  CD2  sing N N 48 
LEU CG  HG   sing N N 49 
LEU CD1 HD11 sing N N 50 
LEU CD1 HD12 sing N N 51 
LEU CD1 HD13 sing N N 52 
LEU CD2 HD21 sing N N 53 
LEU CD2 HD22 sing N N 54 
LEU CD2 HD23 sing N N 55 
LEU OXT HXT  sing N N 56 
SER N   CA   sing N N 57 
SER N   H    sing N N 58 
SER N   H2   sing N N 59 
SER CA  C    sing N N 60 
SER CA  CB   sing N N 61 
SER CA  HA   sing N N 62 
SER C   O    doub N N 63 
SER C   OXT  sing N N 64 
SER CB  OG   sing N N 65 
SER CB  HB2  sing N N 66 
SER CB  HB3  sing N N 67 
SER OG  HG   sing N N 68 
SER OXT HXT  sing N N 69 
# 
_pdbx_audit_support.funding_organization   'National Institutes of Health/National Institute on Aging (NIH/NIA)' 
_pdbx_audit_support.country                'United States' 
_pdbx_audit_support.grant_number           AG074954 
_pdbx_audit_support.ordinal                1 
# 
_pdbx_entity_nonpoly.entity_id   2 
_pdbx_entity_nonpoly.name        water 
_pdbx_entity_nonpoly.comp_id     HOH 
# 
